data_1A41
#
_entry.id   1A41
#
_cell.length_a   81.700
_cell.length_b   81.700
_cell.length_c   84.500
_cell.angle_alpha   90.00
_cell.angle_beta   90.00
_cell.angle_gamma   90.00
#
_symmetry.space_group_name_H-M   'P 41 21 2'
#
loop_
_entity.id
_entity.type
_entity.pdbx_description
1 polymer 'TOPOISOMERASE I'
2 non-polymer 'SULFATE ION'
3 water water
#
_entity_poly.entity_id   1
_entity_poly.type   'polypeptide(L)'
_entity_poly.pdbx_seq_one_letter_code
;NAKRDRIFVRVYNVMKRINCFINKNIKKSSTDSNYQLAVFMLMETMFFIRFGKMKYLKENETVGLLTLKNKHIEISPDEI
VIKFVGKDKVSHEFVVHKSNRLYKPLLKLTDDSSPEEFLFNKLSERKVYECIKQFGIRIKDLRTYGVNYTFLYNFWTNVK
SISPLPSPKKLIALTIKQTAEVVGHTPSISKRAYMATTILEMVKDKNFLDVVSKTTFDEFLSIVVDHVKSSTDG
;
_entity_poly.pdbx_strand_id   A
#
# COMPACT_ATOMS: atom_id res chain seq x y z
N ASN A 1 15.44 9.30 -14.46
CA ASN A 1 16.11 7.97 -14.28
C ASN A 1 15.44 6.76 -14.89
N ALA A 2 16.18 6.08 -15.79
CA ALA A 2 15.75 4.85 -16.52
C ALA A 2 15.20 3.73 -15.63
N LYS A 3 16.05 3.27 -14.71
CA LYS A 3 15.73 2.23 -13.74
C LYS A 3 14.43 2.52 -12.90
N ARG A 4 14.45 3.54 -12.06
CA ARG A 4 13.32 3.90 -11.22
C ARG A 4 12.03 4.14 -12.00
N ASP A 5 12.12 4.58 -13.26
CA ASP A 5 10.92 4.80 -14.13
C ASP A 5 10.32 3.43 -14.43
N ARG A 6 11.21 2.51 -14.82
CA ARG A 6 10.85 1.15 -15.15
C ARG A 6 10.12 0.51 -13.99
N ILE A 7 10.75 0.49 -12.82
CA ILE A 7 10.10 -0.11 -11.65
C ILE A 7 8.75 0.51 -11.23
N PHE A 8 8.71 1.83 -11.07
CA PHE A 8 7.49 2.50 -10.71
C PHE A 8 6.37 2.01 -11.67
N VAL A 9 6.65 2.09 -12.96
CA VAL A 9 5.70 1.71 -13.97
C VAL A 9 5.40 0.22 -13.87
N ARG A 10 6.41 -0.59 -13.61
CA ARG A 10 6.18 -2.03 -13.47
C ARG A 10 5.20 -2.32 -12.35
N VAL A 11 5.42 -1.76 -11.16
CA VAL A 11 4.52 -1.99 -10.03
C VAL A 11 3.14 -1.42 -10.28
N TYR A 12 3.03 -0.23 -10.85
CA TYR A 12 1.70 0.26 -11.11
C TYR A 12 0.83 -0.80 -11.91
N ASN A 13 1.49 -1.53 -12.79
CA ASN A 13 0.81 -2.55 -13.60
C ASN A 13 0.69 -3.87 -12.84
N VAL A 14 1.80 -4.32 -12.23
CA VAL A 14 1.80 -5.55 -11.45
C VAL A 14 0.67 -5.52 -10.40
N MET A 15 0.43 -4.34 -9.84
CA MET A 15 -0.61 -4.13 -8.81
C MET A 15 -1.95 -4.48 -9.43
N LYS A 16 -2.12 -4.11 -10.69
CA LYS A 16 -3.34 -4.42 -11.40
C LYS A 16 -3.53 -5.96 -11.45
N ARG A 17 -2.40 -6.67 -11.56
CA ARG A 17 -2.38 -8.12 -11.64
C ARG A 17 -2.68 -8.78 -10.34
N ILE A 18 -2.14 -8.24 -9.27
CA ILE A 18 -2.38 -8.83 -7.99
C ILE A 18 -3.84 -8.58 -7.60
N ASN A 19 -4.43 -7.51 -8.11
CA ASN A 19 -5.81 -7.26 -7.74
C ASN A 19 -6.79 -8.23 -8.41
N CYS A 20 -6.45 -8.70 -9.62
CA CYS A 20 -7.30 -9.69 -10.28
C CYS A 20 -7.18 -11.03 -9.50
N PHE A 21 -5.95 -11.41 -9.19
CA PHE A 21 -5.67 -12.61 -8.43
C PHE A 21 -6.56 -12.54 -7.18
N ILE A 22 -6.50 -11.42 -6.47
CA ILE A 22 -7.31 -11.23 -5.28
C ILE A 22 -8.79 -11.55 -5.57
N ASN A 23 -9.38 -10.85 -6.53
CA ASN A 23 -10.80 -11.08 -6.86
C ASN A 23 -11.14 -12.48 -7.35
N LYS A 24 -10.11 -13.31 -7.51
CA LYS A 24 -10.28 -14.69 -7.92
C LYS A 24 -10.41 -15.49 -6.65
N ASN A 25 -9.29 -15.57 -5.95
CA ASN A 25 -9.14 -16.30 -4.72
C ASN A 25 -10.00 -15.96 -3.52
N ILE A 26 -10.48 -14.72 -3.40
CA ILE A 26 -11.31 -14.42 -2.22
C ILE A 26 -12.68 -15.10 -2.30
N LYS A 27 -13.00 -15.59 -3.49
CA LYS A 27 -14.23 -16.31 -3.71
C LYS A 27 -13.97 -17.78 -3.29
N LYS A 28 -12.70 -18.17 -3.23
CA LYS A 28 -12.28 -19.53 -2.89
C LYS A 28 -12.42 -20.02 -1.45
N SER A 29 -13.66 -20.22 -1.01
CA SER A 29 -13.90 -20.73 0.34
C SER A 29 -13.20 -19.91 1.45
N SER A 30 -12.47 -20.60 2.31
CA SER A 30 -11.77 -20.00 3.42
C SER A 30 -10.42 -20.72 3.46
N THR A 31 -10.42 -21.93 4.04
CA THR A 31 -9.23 -22.79 4.18
C THR A 31 -8.21 -22.81 3.01
N ASP A 32 -8.59 -22.29 1.85
CA ASP A 32 -7.66 -22.27 0.74
C ASP A 32 -6.45 -21.45 1.05
N SER A 33 -5.28 -22.05 0.89
CA SER A 33 -4.03 -21.35 1.10
C SER A 33 -3.94 -20.22 0.08
N ASN A 34 -4.64 -20.35 -1.04
CA ASN A 34 -4.60 -19.31 -2.03
C ASN A 34 -5.62 -18.24 -1.67
N TYR A 35 -6.72 -18.64 -1.04
CA TYR A 35 -7.71 -17.66 -0.63
C TYR A 35 -7.04 -16.87 0.48
N GLN A 36 -6.17 -17.54 1.21
CA GLN A 36 -5.39 -16.96 2.31
C GLN A 36 -4.28 -16.03 1.78
N LEU A 37 -3.90 -16.24 0.51
CA LEU A 37 -2.87 -15.44 -0.16
C LEU A 37 -3.56 -14.18 -0.52
N ALA A 38 -4.63 -14.31 -1.30
CA ALA A 38 -5.44 -13.20 -1.75
C ALA A 38 -5.84 -12.23 -0.60
N VAL A 39 -6.09 -12.77 0.59
CA VAL A 39 -6.48 -11.96 1.76
C VAL A 39 -5.24 -11.23 2.32
N PHE A 40 -4.10 -11.92 2.32
CA PHE A 40 -2.85 -11.37 2.81
C PHE A 40 -2.30 -10.39 1.77
N MET A 41 -2.49 -10.72 0.49
CA MET A 41 -2.05 -9.92 -0.64
C MET A 41 -2.84 -8.62 -0.52
N LEU A 42 -4.14 -8.71 -0.30
CA LEU A 42 -4.97 -7.53 -0.10
C LEU A 42 -4.40 -6.74 1.11
N MET A 43 -4.16 -7.40 2.23
CA MET A 43 -3.58 -6.74 3.40
C MET A 43 -2.23 -6.05 3.09
N GLU A 44 -1.37 -6.70 2.31
CA GLU A 44 -0.07 -6.12 1.99
C GLU A 44 -0.23 -4.87 1.14
N THR A 45 -0.49 -5.06 -0.16
CA THR A 45 -0.62 -3.95 -1.10
C THR A 45 -1.47 -2.76 -0.60
N MET A 46 -2.31 -2.99 0.41
CA MET A 46 -3.12 -1.91 0.93
C MET A 46 -2.50 -1.17 2.13
N PHE A 47 -1.30 -0.68 1.81
CA PHE A 47 -0.37 0.10 2.65
C PHE A 47 -0.81 1.57 2.69
N PHE A 48 -1.86 1.87 3.45
CA PHE A 48 -2.34 3.27 3.58
C PHE A 48 -2.36 3.62 5.07
N LYS A 58 8.07 -3.99 6.10
CA LYS A 58 9.44 -4.58 6.25
C LYS A 58 9.36 -6.10 6.45
N GLU A 59 10.37 -6.70 7.08
CA GLU A 59 10.39 -8.15 7.35
C GLU A 59 9.91 -8.50 8.78
N ASN A 60 10.25 -7.61 9.72
CA ASN A 60 9.92 -7.67 11.16
C ASN A 60 8.44 -7.86 11.48
N GLU A 61 7.61 -6.98 10.91
CA GLU A 61 6.17 -7.03 11.10
C GLU A 61 5.51 -8.12 10.24
N THR A 62 6.24 -8.68 9.27
CA THR A 62 5.72 -9.74 8.39
C THR A 62 5.56 -10.95 9.29
N VAL A 63 6.56 -11.15 10.15
CA VAL A 63 6.57 -12.24 11.12
C VAL A 63 5.31 -12.15 11.97
N GLY A 64 5.15 -11.02 12.67
CA GLY A 64 3.99 -10.81 13.54
C GLY A 64 2.61 -11.06 12.95
N LEU A 65 2.46 -10.79 11.66
CA LEU A 65 1.19 -10.98 10.94
C LEU A 65 0.89 -12.46 10.72
N LEU A 66 1.92 -13.24 10.41
CA LEU A 66 1.73 -14.68 10.26
C LEU A 66 1.72 -15.21 11.70
N THR A 67 2.21 -14.42 12.63
CA THR A 67 2.19 -14.76 14.03
C THR A 67 0.99 -14.01 14.56
N LEU A 68 -0.07 -13.98 13.78
CA LEU A 68 -1.30 -13.30 14.22
C LEU A 68 -2.28 -14.37 14.71
N LYS A 69 -2.61 -14.28 15.98
CA LYS A 69 -3.54 -15.21 16.61
C LYS A 69 -4.98 -14.73 16.42
N ASN A 70 -5.86 -15.70 16.18
CA ASN A 70 -7.26 -15.45 16.01
C ASN A 70 -7.79 -14.70 17.23
N LYS A 71 -7.18 -14.88 18.41
CA LYS A 71 -7.68 -14.19 19.60
C LYS A 71 -7.34 -12.73 19.75
N HIS A 72 -6.56 -12.15 18.82
CA HIS A 72 -6.25 -10.72 18.89
C HIS A 72 -7.01 -9.92 17.79
N ILE A 73 -7.90 -10.61 17.06
CA ILE A 73 -8.72 -10.04 15.98
C ILE A 73 -10.17 -9.69 16.39
N GLU A 74 -10.37 -8.62 17.17
CA GLU A 74 -11.71 -8.25 17.63
C GLU A 74 -12.67 -8.02 16.47
N ILE A 75 -13.84 -8.63 16.53
CA ILE A 75 -14.80 -8.52 15.45
C ILE A 75 -16.13 -7.91 15.92
N SER A 76 -16.56 -6.83 15.25
CA SER A 76 -17.83 -6.17 15.60
C SER A 76 -18.60 -5.84 14.33
N PRO A 77 -19.89 -5.44 14.44
CA PRO A 77 -20.78 -5.10 13.30
C PRO A 77 -20.20 -4.25 12.20
N ASP A 78 -19.47 -3.20 12.59
CA ASP A 78 -18.90 -2.27 11.62
C ASP A 78 -17.39 -2.13 11.55
N GLU A 79 -16.64 -2.92 12.29
CA GLU A 79 -15.19 -2.79 12.29
C GLU A 79 -14.62 -4.14 12.76
N ILE A 80 -13.31 -4.29 12.61
CA ILE A 80 -12.52 -5.46 13.01
C ILE A 80 -11.22 -4.81 13.44
N VAL A 81 -10.79 -5.01 14.67
CA VAL A 81 -9.53 -4.45 15.17
C VAL A 81 -8.44 -5.55 15.26
N ILE A 82 -7.42 -5.45 14.43
CA ILE A 82 -6.32 -6.42 14.46
C ILE A 82 -5.15 -5.95 15.33
N LYS A 83 -4.64 -6.88 16.14
CA LYS A 83 -3.53 -6.66 17.08
C LYS A 83 -2.39 -7.70 17.06
N PHE A 84 -1.16 -7.21 16.95
CA PHE A 84 0.02 -8.07 16.94
C PHE A 84 1.22 -7.30 17.50
N VAL A 85 2.26 -8.05 17.90
CA VAL A 85 3.51 -7.52 18.46
C VAL A 85 4.65 -8.25 17.76
N GLY A 86 5.45 -7.55 16.98
CA GLY A 86 6.56 -8.18 16.28
C GLY A 86 7.89 -7.67 16.81
N LYS A 87 8.60 -8.50 17.57
CA LYS A 87 9.90 -8.11 18.15
C LYS A 87 9.74 -6.86 19.00
N ASP A 88 8.93 -6.98 20.05
CA ASP A 88 8.64 -5.91 21.03
C ASP A 88 8.12 -4.60 20.45
N LYS A 89 9.06 -3.78 19.97
CA LYS A 89 8.80 -2.45 19.41
C LYS A 89 7.72 -2.44 18.34
N VAL A 90 7.83 -3.33 17.36
CA VAL A 90 6.86 -3.40 16.26
C VAL A 90 5.46 -3.94 16.67
N SER A 91 4.85 -3.31 17.69
CA SER A 91 3.49 -3.66 18.18
C SER A 91 2.48 -2.72 17.51
N HIS A 92 1.40 -3.27 16.95
CA HIS A 92 0.38 -2.47 16.25
C HIS A 92 -1.00 -2.97 16.60
N GLU A 93 -2.03 -2.22 16.17
CA GLU A 93 -3.42 -2.55 16.44
C GLU A 93 -4.38 -1.90 15.44
N PHE A 94 -4.14 -2.07 14.14
CA PHE A 94 -5.01 -1.42 13.16
C PHE A 94 -6.43 -1.93 13.11
N VAL A 95 -7.30 -1.13 12.48
CA VAL A 95 -8.72 -1.48 12.33
C VAL A 95 -9.15 -1.49 10.89
N VAL A 96 -10.14 -2.34 10.61
CA VAL A 96 -10.73 -2.51 9.28
C VAL A 96 -12.23 -2.21 9.41
N HIS A 97 -12.70 -1.27 8.61
CA HIS A 97 -14.09 -0.83 8.63
C HIS A 97 -14.98 -1.61 7.65
N LYS A 98 -16.24 -1.79 8.04
CA LYS A 98 -17.23 -2.48 7.21
C LYS A 98 -17.47 -1.53 6.06
N SER A 99 -16.95 -1.85 4.87
CA SER A 99 -17.08 -1.05 3.63
C SER A 99 -15.79 -1.24 2.89
N ASN A 100 -14.74 -1.39 3.69
CA ASN A 100 -13.41 -1.61 3.19
C ASN A 100 -13.34 -3.01 2.60
N ARG A 101 -12.57 -3.14 1.54
CA ARG A 101 -12.41 -4.42 0.86
C ARG A 101 -12.00 -5.58 1.79
N LEU A 102 -11.16 -5.32 2.79
CA LEU A 102 -10.73 -6.39 3.68
C LEU A 102 -11.75 -7.01 4.64
N TYR A 103 -12.57 -6.20 5.33
CA TYR A 103 -13.53 -6.67 6.33
C TYR A 103 -14.13 -8.07 6.17
N LYS A 104 -14.85 -8.32 5.06
CA LYS A 104 -15.51 -9.60 4.79
C LYS A 104 -14.62 -10.81 4.59
N PRO A 105 -13.54 -10.69 3.78
CA PRO A 105 -12.63 -11.86 3.58
C PRO A 105 -11.86 -12.14 4.89
N LEU A 106 -11.61 -11.11 5.67
CA LEU A 106 -10.92 -11.26 6.93
C LEU A 106 -11.91 -11.73 7.99
N LEU A 107 -13.20 -11.52 7.76
CA LEU A 107 -14.23 -11.98 8.68
C LEU A 107 -14.36 -13.46 8.43
N LYS A 108 -14.33 -13.83 7.15
CA LYS A 108 -14.43 -15.22 6.74
C LYS A 108 -13.16 -16.00 7.11
N LEU A 109 -12.00 -15.32 7.12
CA LEU A 109 -10.76 -15.99 7.45
C LEU A 109 -10.71 -16.21 8.95
N THR A 110 -11.22 -15.28 9.73
CA THR A 110 -11.17 -15.47 11.17
C THR A 110 -11.88 -16.75 11.71
N ASP A 111 -11.18 -17.54 12.55
CA ASP A 111 -11.76 -18.76 13.17
C ASP A 111 -11.75 -18.46 14.66
N ASP A 112 -12.93 -18.28 15.24
CA ASP A 112 -12.96 -17.92 16.65
C ASP A 112 -12.99 -19.10 17.56
N SER A 113 -13.08 -20.26 16.93
CA SER A 113 -13.09 -21.53 17.65
C SER A 113 -11.63 -21.96 17.93
N SER A 114 -10.68 -21.16 17.47
CA SER A 114 -9.25 -21.46 17.63
C SER A 114 -8.39 -20.23 17.95
N PRO A 115 -8.60 -19.61 19.14
CA PRO A 115 -7.94 -18.43 19.73
C PRO A 115 -6.44 -18.38 19.68
N GLU A 116 -5.84 -19.53 19.91
CA GLU A 116 -4.41 -19.63 19.89
C GLU A 116 -3.80 -20.01 18.55
N GLU A 117 -4.61 -20.42 17.57
CA GLU A 117 -4.04 -20.73 16.27
C GLU A 117 -3.93 -19.48 15.42
N PHE A 118 -2.97 -19.45 14.51
CA PHE A 118 -2.71 -18.30 13.64
C PHE A 118 -3.76 -18.08 12.56
N LEU A 119 -4.12 -16.82 12.34
CA LEU A 119 -5.10 -16.45 11.32
C LEU A 119 -4.67 -17.03 9.99
N PHE A 120 -3.44 -16.74 9.61
CA PHE A 120 -2.87 -17.20 8.37
C PHE A 120 -2.14 -18.47 8.73
N ASN A 121 -2.87 -19.55 8.95
CA ASN A 121 -2.23 -20.79 9.34
C ASN A 121 -1.72 -21.58 8.16
N LYS A 122 -2.41 -21.49 7.02
CA LYS A 122 -1.98 -22.22 5.82
C LYS A 122 -0.99 -21.45 4.95
N LEU A 123 -0.32 -20.47 5.57
CA LEU A 123 0.68 -19.65 4.90
C LEU A 123 1.86 -19.45 5.83
N SER A 124 2.86 -18.74 5.29
CA SER A 124 4.09 -18.37 5.99
C SER A 124 5.10 -17.73 5.04
N GLU A 125 6.28 -17.42 5.58
CA GLU A 125 7.37 -16.78 4.85
C GLU A 125 7.51 -17.20 3.40
N ARG A 126 7.65 -18.50 3.18
CA ARG A 126 7.80 -19.08 1.84
C ARG A 126 6.60 -18.78 0.95
N LYS A 127 5.40 -19.05 1.48
CA LYS A 127 4.14 -18.87 0.77
C LYS A 127 3.84 -17.47 0.22
N VAL A 128 3.96 -16.46 1.08
CA VAL A 128 3.68 -15.09 0.67
C VAL A 128 4.76 -14.56 -0.25
N TYR A 129 5.98 -14.54 0.26
CA TYR A 129 7.13 -14.06 -0.47
C TYR A 129 7.16 -14.55 -1.93
N GLU A 130 7.01 -15.87 -2.13
CA GLU A 130 7.03 -16.44 -3.48
C GLU A 130 5.89 -15.93 -4.37
N CYS A 131 4.71 -15.76 -3.79
CA CYS A 131 3.56 -15.30 -4.55
C CYS A 131 3.90 -13.98 -5.20
N ILE A 132 4.25 -13.01 -4.37
CA ILE A 132 4.54 -11.67 -4.84
C ILE A 132 5.66 -11.64 -5.86
N LYS A 133 6.70 -12.39 -5.60
CA LYS A 133 7.83 -12.40 -6.52
C LYS A 133 7.45 -13.02 -7.86
N GLN A 134 6.51 -13.94 -7.86
CA GLN A 134 6.10 -14.56 -9.10
C GLN A 134 5.36 -13.55 -9.98
N PHE A 135 5.00 -12.42 -9.39
CA PHE A 135 4.31 -11.35 -10.10
C PHE A 135 5.24 -10.49 -10.93
N GLY A 136 6.54 -10.71 -10.77
CA GLY A 136 7.51 -9.94 -11.53
C GLY A 136 8.22 -8.86 -10.73
N ILE A 137 7.88 -8.73 -9.44
CA ILE A 137 8.47 -7.72 -8.57
C ILE A 137 8.88 -8.32 -7.24
N ARG A 138 10.04 -7.95 -6.73
CA ARG A 138 10.49 -8.45 -5.44
C ARG A 138 9.80 -7.59 -4.35
N ILE A 139 10.11 -7.89 -3.09
CA ILE A 139 9.50 -7.15 -1.98
C ILE A 139 9.86 -5.69 -2.10
N LYS A 140 11.16 -5.44 -2.22
CA LYS A 140 11.68 -4.08 -2.35
C LYS A 140 10.84 -3.26 -3.30
N ASP A 141 10.57 -3.79 -4.49
CA ASP A 141 9.78 -3.08 -5.50
C ASP A 141 8.42 -2.63 -4.98
N LEU A 142 7.81 -3.42 -4.10
CA LEU A 142 6.50 -3.08 -3.53
C LEU A 142 6.60 -1.99 -2.46
N ARG A 143 7.70 -2.02 -1.68
CA ARG A 143 8.00 -1.05 -0.61
C ARG A 143 8.32 0.36 -1.10
N THR A 144 9.19 0.48 -2.09
CA THR A 144 9.52 1.79 -2.61
C THR A 144 8.30 2.29 -3.36
N TYR A 145 7.58 1.39 -3.99
CA TYR A 145 6.42 1.82 -4.71
C TYR A 145 5.47 2.50 -3.74
N GLY A 146 5.30 1.89 -2.57
CA GLY A 146 4.38 2.38 -1.54
C GLY A 146 4.67 3.78 -1.08
N VAL A 147 5.96 4.04 -0.85
CA VAL A 147 6.42 5.36 -0.47
C VAL A 147 6.14 6.29 -1.68
N ASN A 148 6.39 5.85 -2.94
CA ASN A 148 6.11 6.72 -4.12
C ASN A 148 4.63 7.01 -4.18
N TYR A 149 3.82 5.99 -3.89
CA TYR A 149 2.35 6.11 -3.87
C TYR A 149 1.93 7.06 -2.75
N THR A 150 2.60 6.98 -1.58
CA THR A 150 2.25 7.84 -0.45
C THR A 150 2.62 9.28 -0.75
N PHE A 151 3.78 9.49 -1.39
CA PHE A 151 4.22 10.84 -1.79
C PHE A 151 3.20 11.43 -2.81
N LEU A 152 2.84 10.66 -3.83
CA LEU A 152 1.87 11.13 -4.82
C LEU A 152 0.49 11.41 -4.22
N TYR A 153 0.12 10.61 -3.25
CA TYR A 153 -1.17 10.78 -2.61
C TYR A 153 -1.24 12.11 -1.85
N ASN A 154 -0.25 12.37 -1.01
CA ASN A 154 -0.16 13.61 -0.22
C ASN A 154 -0.05 14.82 -1.12
N PHE A 155 0.82 14.70 -2.14
CA PHE A 155 1.02 15.76 -3.16
C PHE A 155 -0.35 16.09 -3.74
N TRP A 156 -1.06 15.05 -4.18
CA TRP A 156 -2.40 15.14 -4.77
C TRP A 156 -3.35 15.81 -3.80
N THR A 157 -3.37 15.28 -2.59
CA THR A 157 -4.18 15.78 -1.48
C THR A 157 -3.91 17.29 -1.25
N ASN A 158 -2.65 17.71 -1.40
CA ASN A 158 -2.22 19.10 -1.19
C ASN A 158 -2.78 20.07 -2.22
N VAL A 159 -2.61 19.74 -3.46
CA VAL A 159 -3.06 20.56 -4.57
C VAL A 159 -4.58 20.83 -4.59
N LYS A 160 -5.37 19.89 -4.09
CA LYS A 160 -6.82 20.10 -4.08
C LYS A 160 -7.31 20.74 -2.82
N SER A 161 -6.55 20.68 -1.71
CA SER A 161 -6.98 21.26 -0.41
C SER A 161 -6.49 22.65 -0.09
N ILE A 162 -5.31 22.99 -0.60
CA ILE A 162 -4.65 24.26 -0.35
C ILE A 162 -4.84 25.35 -1.41
N SER A 163 -5.56 26.39 -1.05
CA SER A 163 -5.79 27.50 -1.98
C SER A 163 -5.53 28.92 -1.39
N PRO A 164 -4.65 29.72 -2.06
CA PRO A 164 -3.92 29.35 -3.30
C PRO A 164 -2.84 28.30 -3.08
N LEU A 165 -2.24 27.83 -4.16
CA LEU A 165 -1.18 26.82 -4.16
C LEU A 165 0.20 27.36 -3.76
N PRO A 166 0.95 26.60 -2.94
CA PRO A 166 2.29 26.90 -2.43
C PRO A 166 3.42 27.13 -3.41
N SER A 167 3.31 26.56 -4.62
CA SER A 167 4.34 26.65 -5.65
C SER A 167 5.13 25.38 -5.56
N PRO A 168 5.60 24.88 -6.71
CA PRO A 168 6.38 23.65 -6.82
C PRO A 168 7.35 23.21 -5.68
N LYS A 169 8.24 24.10 -5.19
CA LYS A 169 9.24 23.75 -4.14
C LYS A 169 8.67 23.59 -2.74
N LYS A 170 7.72 24.45 -2.39
CA LYS A 170 7.10 24.39 -1.09
C LYS A 170 6.03 23.29 -1.04
N LEU A 171 5.38 23.07 -2.17
CA LEU A 171 4.38 22.05 -2.29
C LEU A 171 5.11 20.74 -2.11
N ILE A 172 6.19 20.54 -2.88
CA ILE A 172 7.03 19.32 -2.81
C ILE A 172 7.62 19.06 -1.43
N ALA A 173 8.22 20.10 -0.86
CA ALA A 173 8.79 20.01 0.49
C ALA A 173 7.68 19.63 1.49
N LEU A 174 6.49 20.25 1.44
CA LEU A 174 5.37 19.92 2.34
C LEU A 174 4.96 18.42 2.22
N THR A 175 4.93 17.92 0.98
CA THR A 175 4.56 16.54 0.67
C THR A 175 5.54 15.48 1.17
N ILE A 176 6.82 15.83 1.20
CA ILE A 176 7.88 14.96 1.69
C ILE A 176 7.76 14.89 3.20
N LYS A 177 7.50 16.02 3.85
CA LYS A 177 7.37 16.12 5.30
C LYS A 177 6.19 15.30 5.78
N GLN A 178 5.10 15.36 5.01
CA GLN A 178 3.87 14.65 5.28
C GLN A 178 4.02 13.12 5.11
N THR A 179 4.81 12.74 4.11
CA THR A 179 5.11 11.35 3.80
C THR A 179 6.05 10.82 4.87
N ALA A 180 6.89 11.66 5.46
CA ALA A 180 7.79 11.22 6.51
C ALA A 180 6.92 11.03 7.75
N GLU A 181 5.98 11.93 7.96
CA GLU A 181 5.08 11.82 9.12
C GLU A 181 4.16 10.58 8.99
N VAL A 182 3.78 10.27 7.75
CA VAL A 182 2.88 9.15 7.47
C VAL A 182 3.55 7.77 7.55
N VAL A 183 4.63 7.64 6.83
CA VAL A 183 5.38 6.40 6.74
C VAL A 183 6.21 6.19 7.99
N GLY A 184 6.29 7.21 8.83
CA GLY A 184 7.06 7.08 10.05
C GLY A 184 8.50 7.57 9.95
N HIS A 185 9.12 7.52 8.78
CA HIS A 185 10.51 7.98 8.65
C HIS A 185 10.71 8.75 7.35
N THR A 186 11.80 9.53 7.29
CA THR A 186 12.14 10.27 6.10
C THR A 186 12.68 9.21 5.15
N PRO A 187 12.09 9.13 3.94
CA PRO A 187 12.52 8.16 2.92
C PRO A 187 13.92 8.51 2.43
N SER A 188 14.56 7.58 1.73
CA SER A 188 15.91 7.81 1.27
C SER A 188 16.02 9.03 0.39
N ILE A 189 17.23 9.56 0.35
CA ILE A 189 17.50 10.71 -0.49
C ILE A 189 17.25 10.30 -1.95
N SER A 190 17.57 9.07 -2.33
CA SER A 190 17.34 8.64 -3.70
C SER A 190 15.88 8.66 -4.04
N LYS A 191 15.07 8.31 -3.04
CA LYS A 191 13.65 8.28 -3.21
C LYS A 191 13.06 9.68 -3.29
N ARG A 192 13.47 10.55 -2.37
CA ARG A 192 13.00 11.92 -2.33
C ARG A 192 13.39 12.64 -3.59
N ALA A 193 14.63 12.41 -4.01
CA ALA A 193 15.16 13.02 -5.23
C ALA A 193 14.35 12.55 -6.42
N TYR A 194 14.19 11.24 -6.61
CA TYR A 194 13.43 10.76 -7.74
C TYR A 194 11.99 11.33 -7.80
N MET A 195 11.34 11.50 -6.66
CA MET A 195 9.99 12.06 -6.66
C MET A 195 9.89 13.57 -6.82
N ALA A 196 10.84 14.32 -6.28
CA ALA A 196 10.80 15.77 -6.43
C ALA A 196 11.07 16.16 -7.86
N THR A 197 12.05 15.49 -8.48
CA THR A 197 12.47 15.75 -9.86
C THR A 197 11.35 15.45 -10.79
N THR A 198 10.82 14.26 -10.61
CA THR A 198 9.71 13.78 -11.39
C THR A 198 8.58 14.79 -11.38
N ILE A 199 8.33 15.34 -10.21
CA ILE A 199 7.27 16.33 -10.03
C ILE A 199 7.64 17.71 -10.64
N LEU A 200 8.89 18.13 -10.45
CA LEU A 200 9.31 19.40 -11.00
C LEU A 200 9.26 19.34 -12.51
N GLU A 201 9.50 18.16 -13.09
CA GLU A 201 9.41 18.04 -14.55
C GLU A 201 8.01 18.02 -15.13
N MET A 202 7.00 17.66 -14.34
CA MET A 202 5.62 17.68 -14.83
C MET A 202 5.03 19.07 -14.65
N VAL A 203 5.55 19.77 -13.66
CA VAL A 203 5.16 21.13 -13.33
C VAL A 203 5.54 22.09 -14.47
N LYS A 204 6.42 21.70 -15.38
CA LYS A 204 6.81 22.55 -16.53
C LYS A 204 5.61 22.79 -17.41
N ASP A 205 4.57 21.97 -17.26
CA ASP A 205 3.34 22.14 -18.03
C ASP A 205 2.49 23.15 -17.25
N LYS A 206 2.12 24.22 -17.93
CA LYS A 206 1.36 25.33 -17.36
C LYS A 206 -0.01 24.95 -16.76
N ASN A 207 -0.56 23.84 -17.21
CA ASN A 207 -1.84 23.41 -16.69
C ASN A 207 -1.77 22.23 -15.74
N PHE A 208 -0.58 21.67 -15.56
CA PHE A 208 -0.41 20.50 -14.70
C PHE A 208 -1.13 20.71 -13.37
N LEU A 209 -0.63 21.59 -12.50
CA LEU A 209 -1.28 21.81 -11.20
C LEU A 209 -2.74 22.12 -11.26
N ASP A 210 -3.15 22.98 -12.21
CA ASP A 210 -4.56 23.38 -12.40
C ASP A 210 -5.44 22.16 -12.72
N VAL A 211 -4.93 21.22 -13.51
CA VAL A 211 -5.70 20.01 -13.85
C VAL A 211 -5.76 19.05 -12.61
N VAL A 212 -4.61 18.87 -11.95
CA VAL A 212 -4.50 17.99 -10.78
C VAL A 212 -5.52 18.38 -9.71
N SER A 213 -5.83 19.67 -9.61
CA SER A 213 -6.80 20.15 -8.64
C SER A 213 -8.24 19.75 -8.94
N LYS A 214 -8.45 19.04 -10.05
CA LYS A 214 -9.76 18.55 -10.48
C LYS A 214 -9.70 17.05 -10.79
N THR A 215 -8.55 16.42 -10.61
CA THR A 215 -8.50 14.98 -10.91
C THR A 215 -8.96 14.23 -9.71
N THR A 216 -9.24 12.94 -9.91
CA THR A 216 -9.57 12.06 -8.79
C THR A 216 -8.14 11.48 -8.60
N PHE A 217 -7.86 10.80 -7.48
CA PHE A 217 -6.51 10.31 -7.31
C PHE A 217 -6.11 9.32 -8.37
N ASP A 218 -7.10 8.62 -8.93
CA ASP A 218 -6.79 7.62 -9.96
C ASP A 218 -6.50 8.28 -11.30
N GLU A 219 -7.19 9.39 -11.58
CA GLU A 219 -6.89 10.10 -12.80
C GLU A 219 -5.46 10.65 -12.65
N PHE A 220 -5.14 11.13 -11.46
CA PHE A 220 -3.83 11.72 -11.21
C PHE A 220 -2.72 10.70 -11.32
N LEU A 221 -2.81 9.60 -10.56
CA LEU A 221 -1.81 8.53 -10.64
C LEU A 221 -1.60 8.09 -12.08
N SER A 222 -2.64 8.08 -12.88
CA SER A 222 -2.48 7.66 -14.24
C SER A 222 -1.70 8.71 -15.01
N ILE A 223 -2.01 9.98 -14.77
CA ILE A 223 -1.31 11.05 -15.46
C ILE A 223 0.15 10.94 -15.14
N VAL A 224 0.48 10.48 -13.93
CA VAL A 224 1.89 10.37 -13.53
C VAL A 224 2.61 9.18 -14.14
N VAL A 225 1.88 8.10 -14.39
CA VAL A 225 2.45 6.90 -15.00
C VAL A 225 2.65 7.18 -16.49
N ASP A 226 1.71 7.93 -17.07
CA ASP A 226 1.79 8.31 -18.49
C ASP A 226 3.06 9.08 -18.70
N HIS A 227 3.36 10.02 -17.79
CA HIS A 227 4.57 10.83 -17.87
C HIS A 227 5.85 10.01 -17.66
N VAL A 228 5.90 9.24 -16.59
CA VAL A 228 7.11 8.47 -16.30
C VAL A 228 7.40 7.51 -17.41
N LYS A 229 6.34 6.94 -17.96
CA LYS A 229 6.46 6.00 -19.06
C LYS A 229 7.01 6.72 -20.30
N SER A 230 6.90 8.06 -20.33
CA SER A 230 7.39 8.91 -21.41
C SER A 230 8.34 9.94 -20.77
#